data_6GV3
#
_entry.id   6GV3
#
_cell.length_a   32.924
_cell.length_b   50.382
_cell.length_c   93.776
_cell.angle_alpha   90.00
_cell.angle_beta   90.00
_cell.angle_gamma   90.00
#
_symmetry.space_group_name_H-M   'P 21 21 21'
#
loop_
_entity.id
_entity.type
_entity.pdbx_description
1 polymer 'SUMO-conjugating enzyme SCE1'
2 water water
#
_entity_poly.entity_id   1
_entity_poly.type   'polypeptide(L)'
_entity_poly.pdbx_seq_one_letter_code
;MGSSHHHHHHSSGLVPRGSHMASGIARGRLAEERKSWRKNHPHGFVAKPETGQDGTVNLMVWHCTIPGKAGTDWEGGFFP
LTMHFSEDYPSKPPKCKFPQGFFHPNVYPSGTVCLSILNEDYGWRPAITVKQILVGIQDLLDTPNPADPAQTDGYHLFCQ
DPVEYKKRVKLQSKQYPALV
;
_entity_poly.pdbx_strand_id   A
#
# COMPACT_ATOMS: atom_id res chain seq x y z
N SER A 23 16.29 21.00 -2.12
CA SER A 23 15.57 19.99 -2.87
C SER A 23 14.04 20.10 -2.79
N GLY A 24 13.54 20.99 -1.94
CA GLY A 24 12.10 21.18 -1.77
C GLY A 24 11.60 20.36 -0.57
N ILE A 25 10.41 20.68 -0.13
CA ILE A 25 9.86 20.07 1.05
C ILE A 25 9.65 18.56 0.89
N ALA A 26 9.07 18.12 -0.22
CA ALA A 26 8.71 16.73 -0.37
C ALA A 26 9.93 15.84 -0.30
N ARG A 27 10.97 16.21 -1.06
N ARG A 27 11.00 16.18 -1.04
CA ARG A 27 12.18 15.41 -1.07
CA ARG A 27 12.17 15.30 -1.01
C ARG A 27 12.89 15.43 0.29
C ARG A 27 12.89 15.41 0.33
N GLY A 28 12.84 16.56 0.99
CA GLY A 28 13.37 16.64 2.35
C GLY A 28 12.66 15.68 3.32
N ARG A 29 11.33 15.66 3.26
CA ARG A 29 10.53 14.75 4.07
C ARG A 29 10.78 13.30 3.66
N LEU A 30 10.87 13.03 2.36
CA LEU A 30 11.08 11.64 1.95
C LEU A 30 12.44 11.12 2.37
N ALA A 31 13.44 12.01 2.42
CA ALA A 31 14.74 11.58 2.95
C ALA A 31 14.64 11.27 4.45
N GLU A 32 13.81 12.00 5.20
CA GLU A 32 13.61 11.71 6.59
C GLU A 32 12.86 10.39 6.78
N GLU A 33 11.87 10.14 5.94
CA GLU A 33 11.09 8.91 5.98
C GLU A 33 12.01 7.71 5.71
N ARG A 34 12.88 7.85 4.72
N ARG A 34 12.86 7.84 4.69
CA ARG A 34 13.80 6.77 4.41
CA ARG A 34 13.83 6.79 4.37
C ARG A 34 14.73 6.48 5.58
C ARG A 34 14.73 6.49 5.56
N LYS A 35 15.26 7.53 6.19
CA LYS A 35 16.15 7.36 7.33
C LYS A 35 15.46 6.65 8.48
N SER A 36 14.26 7.08 8.79
N SER A 36 14.23 7.02 8.78
CA SER A 36 13.53 6.44 9.85
CA SER A 36 13.51 6.41 9.89
C SER A 36 13.22 4.98 9.53
C SER A 36 13.02 4.99 9.60
N TRP A 37 12.68 4.72 8.34
CA TRP A 37 12.35 3.36 7.90
C TRP A 37 13.56 2.44 8.01
N ARG A 38 14.71 2.89 7.58
CA ARG A 38 15.93 2.08 7.63
C ARG A 38 16.36 1.84 9.07
N LYS A 39 16.09 2.76 9.98
CA LYS A 39 16.42 2.56 11.40
C LYS A 39 15.47 1.56 12.08
N ASN A 40 14.20 1.56 11.70
CA ASN A 40 13.16 0.79 12.39
C ASN A 40 11.95 0.57 11.50
N HIS A 41 11.65 -0.66 11.10
CA HIS A 41 10.44 -0.93 10.32
C HIS A 41 9.93 -2.35 10.71
N PRO A 42 8.69 -2.67 10.40
CA PRO A 42 8.16 -3.96 10.82
C PRO A 42 8.78 -5.09 9.98
N HIS A 43 8.92 -6.26 10.60
CA HIS A 43 9.52 -7.39 9.98
C HIS A 43 8.79 -7.84 8.74
N GLY A 44 9.54 -8.14 7.66
CA GLY A 44 8.91 -8.67 6.47
C GLY A 44 8.43 -7.61 5.50
N PHE A 45 8.35 -6.36 5.94
CA PHE A 45 8.00 -5.23 5.06
C PHE A 45 9.24 -4.75 4.30
N VAL A 46 9.01 -4.17 3.12
CA VAL A 46 10.06 -3.52 2.34
C VAL A 46 9.53 -2.15 1.96
N ALA A 47 10.40 -1.13 1.97
CA ALA A 47 9.98 0.18 1.46
C ALA A 47 11.23 0.84 1.00
N LYS A 48 11.26 1.20 -0.29
N LYS A 48 11.30 1.12 -0.31
CA LYS A 48 12.36 2.02 -0.74
CA LYS A 48 12.52 1.70 -0.93
C LYS A 48 12.05 2.75 -2.01
C LYS A 48 12.20 2.58 -2.16
N PRO A 49 12.76 3.83 -2.21
CA PRO A 49 12.66 4.58 -3.46
C PRO A 49 13.06 3.73 -4.65
N GLU A 50 12.35 3.91 -5.76
CA GLU A 50 12.59 3.20 -7.02
CA GLU A 50 12.64 3.10 -6.93
C GLU A 50 13.99 3.46 -7.57
N THR A 51 14.58 2.45 -8.19
CA THR A 51 15.82 2.62 -8.96
C THR A 51 15.41 2.82 -10.42
N GLY A 52 15.79 3.96 -10.97
CA GLY A 52 15.51 4.24 -12.38
C GLY A 52 16.38 3.42 -13.30
N GLN A 53 16.09 3.50 -14.59
CA GLN A 53 16.76 2.65 -15.57
C GLN A 53 18.27 2.81 -15.58
N ASP A 54 18.78 3.98 -15.28
CA ASP A 54 20.24 4.17 -15.34
C ASP A 54 20.90 3.98 -13.97
N GLY A 55 20.11 3.62 -12.95
CA GLY A 55 20.60 3.39 -11.61
C GLY A 55 20.19 4.50 -10.63
N THR A 56 19.76 5.63 -11.15
CA THR A 56 19.46 6.78 -10.28
C THR A 56 18.22 6.53 -9.42
N VAL A 57 18.36 6.73 -8.14
CA VAL A 57 17.22 6.54 -7.23
C VAL A 57 16.24 7.72 -7.35
N ASN A 58 14.95 7.39 -7.39
CA ASN A 58 13.86 8.38 -7.48
C ASN A 58 13.09 8.38 -6.14
N LEU A 59 13.32 9.39 -5.31
CA LEU A 59 12.63 9.50 -4.04
C LEU A 59 11.13 9.64 -4.16
N MET A 60 10.59 9.99 -5.33
CA MET A 60 9.15 10.30 -5.45
C MET A 60 8.28 9.08 -5.74
N VAL A 61 8.90 7.93 -6.04
CA VAL A 61 8.15 6.70 -6.24
C VAL A 61 8.81 5.60 -5.43
N TRP A 62 8.09 5.01 -4.47
CA TRP A 62 8.66 3.93 -3.65
C TRP A 62 8.03 2.62 -3.99
N HIS A 63 8.86 1.58 -4.09
CA HIS A 63 8.36 0.20 -4.23
C HIS A 63 8.39 -0.47 -2.86
N CYS A 64 7.23 -0.89 -2.41
CA CYS A 64 7.06 -1.43 -1.08
C CYS A 64 6.52 -2.83 -1.16
N THR A 65 6.70 -3.58 -0.07
CA THR A 65 6.13 -4.93 0.06
C THR A 65 5.46 -5.05 1.39
N ILE A 66 4.22 -5.50 1.38
CA ILE A 66 3.41 -5.68 2.58
C ILE A 66 3.13 -7.18 2.77
N PRO A 67 3.63 -7.78 3.85
CA PRO A 67 3.37 -9.19 4.08
C PRO A 67 1.95 -9.40 4.62
N GLY A 68 1.29 -10.47 4.14
CA GLY A 68 0.05 -10.91 4.77
C GLY A 68 0.27 -11.34 6.22
N LYS A 69 -0.74 -11.13 7.07
CA LYS A 69 -0.64 -11.62 8.46
C LYS A 69 -0.83 -13.11 8.57
N ALA A 70 0.00 -13.74 9.41
CA ALA A 70 -0.15 -15.16 9.73
C ALA A 70 -1.53 -15.38 10.30
N GLY A 71 -2.16 -16.51 9.96
CA GLY A 71 -3.47 -16.82 10.52
C GLY A 71 -4.60 -16.10 9.79
N THR A 72 -4.30 -15.53 8.61
CA THR A 72 -5.36 -14.95 7.74
C THR A 72 -5.21 -15.59 6.37
N ASP A 73 -6.19 -15.37 5.49
CA ASP A 73 -6.08 -15.91 4.14
C ASP A 73 -5.03 -15.23 3.29
N TRP A 74 -4.46 -14.14 3.82
CA TRP A 74 -3.36 -13.42 3.15
C TRP A 74 -2.01 -13.99 3.54
N GLU A 75 -1.98 -14.99 4.43
CA GLU A 75 -0.71 -15.46 4.96
C GLU A 75 0.16 -16.07 3.87
N GLY A 76 1.45 -15.84 3.99
CA GLY A 76 2.38 -16.34 3.02
C GLY A 76 2.51 -15.44 1.78
N GLY A 77 1.62 -14.45 1.60
CA GLY A 77 1.76 -13.53 0.48
C GLY A 77 2.60 -12.31 0.87
N PHE A 78 3.24 -11.78 -0.16
CA PHE A 78 4.12 -10.59 -0.06
C PHE A 78 3.69 -9.66 -1.16
N PHE A 79 2.87 -8.69 -0.78
CA PHE A 79 2.10 -7.95 -1.77
C PHE A 79 2.79 -6.65 -2.14
N PRO A 80 3.05 -6.43 -3.46
CA PRO A 80 3.81 -5.25 -3.91
C PRO A 80 2.92 -4.04 -4.03
N LEU A 81 3.35 -3.00 -3.33
CA LEU A 81 2.60 -1.74 -3.28
C LEU A 81 3.47 -0.59 -3.68
N THR A 82 3.08 0.20 -4.68
CA THR A 82 3.89 1.37 -5.07
CA THR A 82 3.86 1.35 -5.08
C THR A 82 3.25 2.64 -4.50
N MET A 83 4.10 3.48 -3.94
CA MET A 83 3.67 4.77 -3.36
CA MET A 83 3.68 4.76 -3.36
C MET A 83 4.20 5.89 -4.24
N HIS A 84 3.30 6.80 -4.63
CA HIS A 84 3.62 7.85 -5.60
C HIS A 84 3.44 9.17 -4.91
N PHE A 85 4.50 9.93 -4.75
CA PHE A 85 4.50 11.22 -4.06
C PHE A 85 4.58 12.37 -5.04
N SER A 86 3.96 13.50 -4.75
CA SER A 86 4.07 14.72 -5.57
C SER A 86 4.81 15.78 -4.79
N GLU A 87 5.13 16.90 -5.47
CA GLU A 87 5.79 17.99 -4.78
C GLU A 87 4.83 18.66 -3.78
N ASP A 88 3.54 18.32 -3.85
CA ASP A 88 2.57 18.84 -2.86
C ASP A 88 2.63 18.04 -1.53
N TYR A 89 3.32 16.90 -1.50
CA TYR A 89 3.50 16.11 -0.29
C TYR A 89 4.47 16.84 0.63
N PRO A 90 4.28 16.83 1.96
CA PRO A 90 3.30 16.05 2.72
C PRO A 90 2.00 16.83 2.97
N SER A 91 1.80 18.04 2.44
CA SER A 91 0.49 18.67 2.63
C SER A 91 -0.61 17.84 1.99
N LYS A 92 -0.32 17.20 0.86
CA LYS A 92 -1.25 16.32 0.19
C LYS A 92 -0.73 14.88 0.25
N PRO A 93 -1.63 13.89 0.26
CA PRO A 93 -1.24 12.49 0.47
C PRO A 93 -0.57 11.87 -0.76
N PRO A 94 0.19 10.80 -0.61
CA PRO A 94 0.61 10.00 -1.77
C PRO A 94 -0.56 9.19 -2.33
N LYS A 95 -0.39 8.65 -3.52
CA LYS A 95 -1.29 7.65 -4.10
C LYS A 95 -0.59 6.30 -3.92
N CYS A 96 -1.34 5.29 -3.48
CA CYS A 96 -0.81 3.94 -3.29
C CYS A 96 -1.47 2.94 -4.19
N LYS A 97 -0.67 2.12 -4.87
CA LYS A 97 -1.25 1.17 -5.82
C LYS A 97 -0.71 -0.23 -5.67
N PHE A 98 -1.63 -1.19 -5.61
CA PHE A 98 -1.29 -2.59 -5.88
C PHE A 98 -1.29 -2.80 -7.41
N PRO A 99 -0.89 -3.97 -7.90
CA PRO A 99 -0.99 -4.19 -9.35
C PRO A 99 -2.43 -4.14 -9.85
N GLN A 100 -2.57 -3.73 -11.10
CA GLN A 100 -3.86 -3.74 -11.74
C GLN A 100 -4.43 -5.16 -11.68
N GLY A 101 -5.71 -5.25 -11.33
CA GLY A 101 -6.34 -6.55 -11.18
C GLY A 101 -6.32 -7.15 -9.78
N PHE A 102 -5.59 -6.55 -8.86
CA PHE A 102 -5.52 -7.02 -7.48
C PHE A 102 -6.92 -7.13 -6.90
N PHE A 103 -7.18 -8.23 -6.17
CA PHE A 103 -8.49 -8.54 -5.65
C PHE A 103 -8.63 -8.12 -4.18
N HIS A 104 -9.46 -7.13 -3.92
CA HIS A 104 -9.71 -6.64 -2.56
C HIS A 104 -10.91 -5.69 -2.64
N PRO A 105 -11.79 -5.63 -1.63
CA PRO A 105 -12.97 -4.77 -1.76
C PRO A 105 -12.66 -3.30 -1.95
N ASN A 106 -11.50 -2.85 -1.44
CA ASN A 106 -11.15 -1.41 -1.38
C ASN A 106 -10.09 -1.04 -2.38
N VAL A 107 -9.85 -1.89 -3.37
CA VAL A 107 -8.85 -1.62 -4.39
C VAL A 107 -9.52 -1.50 -5.74
N TYR A 108 -9.27 -0.38 -6.44
CA TYR A 108 -9.87 -0.15 -7.75
C TYR A 108 -9.33 -1.11 -8.78
N PRO A 109 -10.02 -1.29 -9.93
CA PRO A 109 -9.46 -2.12 -11.00
C PRO A 109 -8.07 -1.71 -11.41
N SER A 110 -7.75 -0.42 -11.31
CA SER A 110 -6.43 0.11 -11.66
C SER A 110 -5.35 -0.32 -10.70
N GLY A 111 -5.75 -0.74 -9.49
CA GLY A 111 -4.79 -1.08 -8.45
C GLY A 111 -4.79 -0.04 -7.34
N THR A 112 -5.38 1.13 -7.59
CA THR A 112 -5.34 2.15 -6.56
C THR A 112 -6.05 1.72 -5.28
N VAL A 113 -5.40 1.95 -4.16
CA VAL A 113 -5.97 1.59 -2.86
C VAL A 113 -6.80 2.72 -2.30
N CYS A 114 -8.04 2.44 -1.96
N CYS A 114 -8.06 2.42 -1.97
CA CYS A 114 -8.89 3.36 -1.22
CA CYS A 114 -8.87 3.31 -1.16
C CYS A 114 -8.77 3.11 0.30
C CYS A 114 -8.56 3.00 0.28
N LEU A 115 -8.01 3.96 0.97
CA LEU A 115 -7.70 3.89 2.39
C LEU A 115 -8.07 5.29 2.90
N SER A 116 -8.76 5.37 4.02
CA SER A 116 -9.29 6.65 4.39
C SER A 116 -8.19 7.68 4.67
N ILE A 117 -7.03 7.32 5.19
CA ILE A 117 -6.06 8.38 5.37
C ILE A 117 -5.47 8.91 4.07
N LEU A 118 -5.69 8.24 2.95
CA LEU A 118 -5.21 8.76 1.65
C LEU A 118 -6.21 9.74 1.00
N ASN A 119 -7.32 10.00 1.65
CA ASN A 119 -8.25 10.97 1.15
C ASN A 119 -7.80 12.38 1.54
N GLU A 120 -7.43 13.22 0.57
CA GLU A 120 -6.85 14.53 0.88
C GLU A 120 -7.75 15.39 1.78
N ASP A 121 -9.06 15.38 1.48
CA ASP A 121 -10.02 16.23 2.19
C ASP A 121 -10.63 15.61 3.45
N TYR A 122 -10.79 14.30 3.45
CA TYR A 122 -11.53 13.69 4.54
C TYR A 122 -10.72 12.68 5.33
N GLY A 123 -9.40 12.72 5.24
CA GLY A 123 -8.65 11.77 6.02
C GLY A 123 -7.19 12.14 6.29
N TRP A 124 -6.48 12.61 5.28
CA TRP A 124 -5.03 12.80 5.41
C TRP A 124 -4.63 13.78 6.50
N ARG A 125 -3.59 13.42 7.23
CA ARG A 125 -2.84 14.30 8.15
C ARG A 125 -1.39 14.26 7.73
N PRO A 126 -0.71 15.40 7.66
CA PRO A 126 0.60 15.43 7.00
C PRO A 126 1.69 14.75 7.82
N ALA A 127 1.51 14.55 9.11
CA ALA A 127 2.54 13.93 9.95
C ALA A 127 2.57 12.40 9.85
N ILE A 128 1.57 11.81 9.20
CA ILE A 128 1.50 10.35 9.04
C ILE A 128 2.72 9.88 8.26
N THR A 129 3.35 8.84 8.78
CA THR A 129 4.61 8.34 8.20
C THR A 129 4.37 7.27 7.12
N VAL A 130 5.41 6.99 6.31
CA VAL A 130 5.30 5.89 5.37
C VAL A 130 4.95 4.58 6.09
N LYS A 131 5.64 4.30 7.18
CA LYS A 131 5.31 3.10 7.93
C LYS A 131 3.85 3.06 8.35
N GLN A 132 3.35 4.19 8.84
CA GLN A 132 1.95 4.24 9.30
C GLN A 132 1.01 3.98 8.13
N ILE A 133 1.36 4.44 6.94
CA ILE A 133 0.52 4.15 5.77
C ILE A 133 0.56 2.63 5.46
N LEU A 134 1.77 2.08 5.39
CA LEU A 134 1.92 0.68 5.02
C LEU A 134 1.26 -0.25 6.05
N VAL A 135 1.34 0.10 7.34
CA VAL A 135 0.68 -0.70 8.38
C VAL A 135 -0.84 -0.55 8.26
N GLY A 136 -1.33 0.65 7.94
CA GLY A 136 -2.75 0.81 7.70
C GLY A 136 -3.25 -0.03 6.55
N ILE A 137 -2.48 -0.08 5.46
CA ILE A 137 -2.85 -0.92 4.35
C ILE A 137 -2.78 -2.40 4.74
N GLN A 138 -1.72 -2.80 5.46
CA GLN A 138 -1.70 -4.17 5.93
C GLN A 138 -2.95 -4.55 6.69
N ASP A 139 -3.42 -3.71 7.60
CA ASP A 139 -4.63 -4.03 8.35
C ASP A 139 -5.82 -4.12 7.43
N LEU A 140 -5.87 -3.26 6.43
CA LEU A 140 -6.97 -3.22 5.50
C LEU A 140 -7.14 -4.54 4.75
N LEU A 141 -6.05 -5.29 4.51
CA LEU A 141 -6.14 -6.51 3.75
C LEU A 141 -7.21 -7.45 4.33
N ASP A 142 -7.04 -7.85 5.60
CA ASP A 142 -8.00 -8.77 6.24
C ASP A 142 -9.13 -8.04 6.94
N THR A 143 -9.07 -6.73 7.04
CA THR A 143 -10.15 -5.95 7.65
C THR A 143 -10.56 -4.81 6.67
N PRO A 144 -11.32 -5.15 5.63
CA PRO A 144 -11.70 -4.13 4.65
C PRO A 144 -12.67 -3.15 5.25
N ASN A 145 -12.75 -1.98 4.63
CA ASN A 145 -13.67 -0.93 5.03
C ASN A 145 -14.94 -1.06 4.17
N PRO A 146 -16.06 -1.53 4.78
CA PRO A 146 -17.27 -1.71 3.95
C PRO A 146 -17.85 -0.42 3.37
N ALA A 147 -17.41 0.74 3.84
CA ALA A 147 -17.91 2.02 3.32
C ALA A 147 -17.19 2.48 2.04
N ASP A 148 -16.18 1.73 1.59
CA ASP A 148 -15.41 2.13 0.42
C ASP A 148 -15.33 1.10 -0.68
N PRO A 149 -16.47 0.74 -1.29
CA PRO A 149 -16.41 -0.19 -2.41
C PRO A 149 -15.58 0.39 -3.55
N ALA A 150 -14.61 -0.34 -4.04
CA ALA A 150 -13.78 0.18 -5.12
C ALA A 150 -13.74 -0.72 -6.34
N GLN A 151 -14.13 -1.98 -6.20
CA GLN A 151 -14.18 -2.90 -7.36
C GLN A 151 -15.37 -3.83 -7.26
N THR A 152 -15.91 -4.26 -8.39
CA THR A 152 -17.12 -5.07 -8.24
C THR A 152 -16.80 -6.49 -7.83
N ASP A 153 -15.75 -7.07 -8.41
CA ASP A 153 -15.37 -8.43 -8.13
C ASP A 153 -15.14 -8.66 -6.63
N GLY A 154 -14.12 -8.00 -6.07
CA GLY A 154 -13.83 -8.14 -4.66
C GLY A 154 -14.94 -7.71 -3.73
N TYR A 155 -15.61 -6.59 -4.03
CA TYR A 155 -16.62 -6.12 -3.09
C TYR A 155 -17.84 -7.00 -3.07
N HIS A 156 -18.27 -7.51 -4.23
CA HIS A 156 -19.50 -8.31 -4.25
C HIS A 156 -19.33 -9.63 -3.50
N LEU A 157 -18.17 -10.27 -3.67
CA LEU A 157 -17.92 -11.53 -2.96
C LEU A 157 -17.83 -11.28 -1.45
N PHE A 158 -17.14 -10.20 -1.06
CA PHE A 158 -16.88 -9.94 0.35
C PHE A 158 -18.13 -9.81 1.24
N CYS A 159 -19.11 -9.09 0.73
CA CYS A 159 -20.28 -8.67 1.50
C CYS A 159 -21.19 -9.78 1.95
N GLN A 160 -21.51 -10.61 0.98
CA GLN A 160 -22.60 -11.53 1.10
C GLN A 160 -22.24 -12.89 0.56
N ASP A 161 -20.96 -13.12 0.27
CA ASP A 161 -20.51 -14.45 -0.15
C ASP A 161 -19.16 -14.86 0.45
N PRO A 162 -19.09 -14.90 1.79
CA PRO A 162 -17.78 -15.10 2.43
C PRO A 162 -17.01 -16.35 1.99
N VAL A 163 -17.71 -17.43 1.66
CA VAL A 163 -17.01 -18.65 1.24
C VAL A 163 -16.23 -18.47 -0.05
N GLU A 164 -16.85 -17.88 -1.06
CA GLU A 164 -16.12 -17.69 -2.31
C GLU A 164 -15.03 -16.61 -2.16
N TYR A 165 -15.31 -15.59 -1.35
CA TYR A 165 -14.34 -14.51 -1.12
C TYR A 165 -13.03 -15.09 -0.56
N LYS A 166 -13.18 -15.98 0.41
CA LYS A 166 -12.02 -16.59 1.04
C LYS A 166 -11.20 -17.41 0.07
N LYS A 167 -11.87 -18.19 -0.77
CA LYS A 167 -11.19 -18.95 -1.80
C LYS A 167 -10.34 -18.05 -2.67
N ARG A 168 -10.92 -16.92 -3.07
CA ARG A 168 -10.25 -15.98 -3.97
C ARG A 168 -9.05 -15.34 -3.30
N VAL A 169 -9.17 -15.00 -2.03
CA VAL A 169 -8.03 -14.39 -1.32
C VAL A 169 -6.88 -15.39 -1.18
N LYS A 170 -7.22 -16.63 -0.80
CA LYS A 170 -6.18 -17.66 -0.62
C LYS A 170 -5.45 -17.93 -1.92
N LEU A 171 -6.23 -17.99 -3.00
N LEU A 171 -6.22 -17.99 -3.00
CA LEU A 171 -5.65 -18.18 -4.32
CA LEU A 171 -5.64 -18.19 -4.31
C LEU A 171 -4.69 -17.04 -4.69
C LEU A 171 -4.70 -17.05 -4.70
N GLN A 172 -5.15 -15.81 -4.49
CA GLN A 172 -4.30 -14.67 -4.78
C GLN A 172 -3.00 -14.64 -3.96
N SER A 173 -3.03 -15.12 -2.74
CA SER A 173 -1.79 -15.14 -1.97
C SER A 173 -0.70 -16.00 -2.63
N LYS A 174 -1.13 -17.06 -3.34
CA LYS A 174 -0.20 -17.92 -4.07
C LYS A 174 0.43 -17.24 -5.27
N GLN A 175 -0.17 -16.14 -5.72
CA GLN A 175 0.38 -15.39 -6.83
C GLN A 175 1.54 -14.47 -6.40
N TYR A 176 1.66 -14.29 -5.06
CA TYR A 176 2.62 -13.32 -4.50
C TYR A 176 3.62 -13.91 -3.48
N PRO A 177 4.41 -14.92 -3.90
CA PRO A 177 5.41 -15.50 -2.99
C PRO A 177 6.57 -14.53 -2.73
N ALA A 178 7.40 -14.83 -1.73
CA ALA A 178 8.84 -14.51 -1.84
C ALA A 178 9.21 -13.08 -2.09
#